data_7BA9
#
_entry.id   7BA9
#
_cell.length_a   81.736
_cell.length_b   112.087
_cell.length_c   62.299
_cell.angle_alpha   90.000
_cell.angle_beta   90.000
_cell.angle_gamma   90.000
#
_symmetry.space_group_name_H-M   'C 2 2 21'
#
loop_
_entity.id
_entity.type
_entity.pdbx_description
1 polymer '14-3-3 protein sigma'
2 polymer 'Estrogen receptor'
3 non-polymer 'MAGNESIUM ION'
4 non-polymer 2-methyl-2-(4-methylphenoxy)-~{N}-(2-sulfanylethyl)propanamide
5 water water
#
loop_
_entity_poly.entity_id
_entity_poly.type
_entity_poly.pdbx_seq_one_letter_code
_entity_poly.pdbx_strand_id
1 'polypeptide(L)'
;GAMGSMERASLIQKAKLAEQAERYEDMAAFMKGAVEKGEELSNEERCLLSVAYKNVVGGQRAAWRVLSSIEQKSNEEGSE
EKGPEVREYREKVETELQGVCDTVLGLLDSHLIKEAGDAESRVFYLKMKGDYYRYLAEVATGDDKKRIIDSARSAYQEAM
DISKKEMPPTNPIRLGLALNFSVFHYEIANSPEEAISLAKTTFDEAMADLHTLSEDSYKDSTLIMQLLRDNLTLWT
;
A
2 'polypeptide(L)' AEGFPA(TPO)V B
#
loop_
_chem_comp.id
_chem_comp.type
_chem_comp.name
_chem_comp.formula
MG non-polymer 'MAGNESIUM ION' 'Mg 2'
T6N non-polymer 2-methyl-2-(4-methylphenoxy)-~{N}-(2-sulfanylethyl)propanamide 'C13 H19 N O2 S'
#
# COMPACT_ATOMS: atom_id res chain seq x y z
N GLY A 1 -15.41 7.88 -17.59
CA GLY A 1 -14.36 6.87 -17.56
C GLY A 1 -14.26 6.23 -18.92
N ALA A 2 -13.03 6.06 -19.43
CA ALA A 2 -12.86 5.35 -20.69
C ALA A 2 -13.31 3.90 -20.59
N MET A 3 -13.48 3.36 -19.38
CA MET A 3 -13.99 2.01 -19.20
C MET A 3 -15.49 1.94 -18.99
N GLY A 4 -16.20 3.07 -19.08
CA GLY A 4 -17.64 3.06 -18.78
C GLY A 4 -18.47 2.19 -19.70
N SER A 5 -17.99 1.93 -20.92
CA SER A 5 -18.77 1.12 -21.85
C SER A 5 -18.45 -0.36 -21.76
N MET A 6 -17.47 -0.79 -20.94
CA MET A 6 -17.11 -2.19 -20.87
C MET A 6 -17.79 -2.87 -19.68
N GLU A 7 -18.32 -4.08 -19.93
CA GLU A 7 -18.94 -4.90 -18.87
C GLU A 7 -18.03 -5.07 -17.68
N ARG A 8 -18.60 -5.01 -16.47
CA ARG A 8 -17.81 -5.30 -15.28
C ARG A 8 -17.06 -6.63 -15.40
N ALA A 9 -17.73 -7.69 -15.83
CA ALA A 9 -17.04 -8.98 -15.83
C ALA A 9 -15.89 -8.98 -16.83
N SER A 10 -16.06 -8.25 -17.95
CA SER A 10 -15.00 -8.18 -18.94
C SER A 10 -13.81 -7.35 -18.43
N LEU A 11 -14.07 -6.29 -17.65
CA LEU A 11 -12.99 -5.57 -16.98
C LEU A 11 -12.20 -6.48 -16.05
N ILE A 12 -12.91 -7.27 -15.23
CA ILE A 12 -12.22 -8.21 -14.34
C ILE A 12 -11.42 -9.24 -15.12
N GLN A 13 -12.00 -9.80 -16.18
CA GLN A 13 -11.28 -10.78 -17.00
C GLN A 13 -10.02 -10.17 -17.61
N LYS A 14 -10.15 -8.94 -18.12
CA LYS A 14 -8.99 -8.26 -18.71
C LYS A 14 -7.95 -7.87 -17.67
N ALA A 15 -8.35 -7.51 -16.45
CA ALA A 15 -7.36 -7.25 -15.39
C ALA A 15 -6.53 -8.51 -15.15
N LYS A 16 -7.17 -9.69 -15.14
CA LYS A 16 -6.42 -10.92 -14.93
C LYS A 16 -5.47 -11.19 -16.08
N LEU A 17 -5.90 -10.92 -17.32
CA LEU A 17 -5.00 -11.06 -18.46
C LEU A 17 -3.81 -10.08 -18.39
N ALA A 18 -4.09 -8.81 -18.01
CA ALA A 18 -3.03 -7.84 -17.90
C ALA A 18 -2.03 -8.27 -16.83
N GLU A 19 -2.51 -8.83 -15.72
CA GLU A 19 -1.58 -9.36 -14.72
C GLU A 19 -0.66 -10.43 -15.34
N GLN A 20 -1.23 -11.38 -16.10
CA GLN A 20 -0.39 -12.45 -16.66
C GLN A 20 0.61 -11.87 -17.63
N ALA A 21 0.25 -10.77 -18.29
CA ALA A 21 1.13 -10.10 -19.24
C ALA A 21 2.05 -9.07 -18.59
N GLU A 22 2.00 -8.95 -17.26
CA GLU A 22 2.76 -7.92 -16.52
C GLU A 22 2.52 -6.50 -17.04
N ARG A 23 1.27 -6.23 -17.41
CA ARG A 23 0.87 -4.92 -17.90
C ARG A 23 0.07 -4.26 -16.77
N TYR A 24 0.80 -3.73 -15.76
CA TYR A 24 0.13 -3.33 -14.53
C TYR A 24 -0.61 -2.02 -14.67
N GLU A 25 -0.13 -1.11 -15.53
N GLU A 25 -0.14 -1.11 -15.54
CA GLU A 25 -0.92 0.10 -15.81
CA GLU A 25 -0.91 0.09 -15.81
C GLU A 25 -2.27 -0.25 -16.42
C GLU A 25 -2.26 -0.26 -16.42
N ASP A 26 -2.28 -1.18 -17.40
CA ASP A 26 -3.57 -1.61 -17.92
C ASP A 26 -4.41 -2.28 -16.83
N MET A 27 -3.77 -3.13 -16.05
CA MET A 27 -4.48 -3.84 -14.98
C MET A 27 -5.18 -2.84 -14.06
N ALA A 28 -4.48 -1.76 -13.71
CA ALA A 28 -5.03 -0.77 -12.82
C ALA A 28 -6.18 -0.04 -13.48
N ALA A 29 -6.04 0.31 -14.76
CA ALA A 29 -7.15 1.00 -15.40
C ALA A 29 -8.37 0.11 -15.51
N PHE A 30 -8.18 -1.19 -15.78
CA PHE A 30 -9.32 -2.10 -15.82
C PHE A 30 -9.98 -2.17 -14.44
N MET A 31 -9.18 -2.27 -13.36
CA MET A 31 -9.78 -2.37 -12.04
C MET A 31 -10.44 -1.08 -11.60
N LYS A 32 -9.88 0.08 -11.97
CA LYS A 32 -10.57 1.35 -11.72
C LYS A 32 -11.94 1.34 -12.40
N GLY A 33 -11.97 0.90 -13.68
CA GLY A 33 -13.27 0.81 -14.33
C GLY A 33 -14.21 -0.13 -13.60
N ALA A 34 -13.70 -1.25 -13.09
CA ALA A 34 -14.60 -2.16 -12.37
C ALA A 34 -15.14 -1.54 -11.07
N VAL A 35 -14.25 -0.92 -10.29
CA VAL A 35 -14.71 -0.20 -9.08
C VAL A 35 -15.80 0.81 -9.44
N GLU A 36 -15.58 1.59 -10.51
CA GLU A 36 -16.54 2.62 -10.88
C GLU A 36 -17.88 2.06 -11.34
N LYS A 37 -18.06 0.77 -11.52
CA LYS A 37 -19.39 0.24 -11.75
C LYS A 37 -20.28 0.38 -10.54
N GLY A 38 -19.70 0.57 -9.36
CA GLY A 38 -20.49 0.91 -8.20
C GLY A 38 -20.83 -0.27 -7.32
N GLU A 39 -20.60 -1.48 -7.76
CA GLU A 39 -20.88 -2.64 -6.91
C GLU A 39 -19.69 -2.91 -5.98
N GLU A 40 -19.97 -3.55 -4.87
CA GLU A 40 -18.88 -3.94 -3.98
C GLU A 40 -17.96 -4.94 -4.69
N LEU A 41 -16.73 -5.04 -4.19
CA LEU A 41 -15.74 -5.97 -4.74
C LEU A 41 -15.72 -7.25 -3.90
N SER A 42 -15.48 -8.37 -4.56
CA SER A 42 -15.22 -9.62 -3.84
C SER A 42 -13.77 -9.66 -3.32
N ASN A 43 -13.44 -10.70 -2.53
N ASN A 43 -13.42 -10.68 -2.55
CA ASN A 43 -12.08 -10.86 -2.04
CA ASN A 43 -12.05 -10.80 -2.03
C ASN A 43 -11.06 -10.85 -3.18
C ASN A 43 -11.03 -10.87 -3.16
N GLU A 44 -11.31 -11.68 -4.18
CA GLU A 44 -10.39 -11.79 -5.33
C GLU A 44 -10.28 -10.45 -6.06
N GLU A 45 -11.40 -9.75 -6.20
CA GLU A 45 -11.35 -8.48 -6.94
C GLU A 45 -10.56 -7.42 -6.16
N ARG A 46 -10.68 -7.42 -4.81
CA ARG A 46 -9.87 -6.49 -4.02
C ARG A 46 -8.40 -6.82 -4.19
N CYS A 47 -8.05 -8.11 -4.25
CA CYS A 47 -6.67 -8.48 -4.53
C CYS A 47 -6.22 -7.92 -5.88
N LEU A 48 -7.04 -8.06 -6.94
CA LEU A 48 -6.61 -7.55 -8.23
C LEU A 48 -6.38 -6.05 -8.19
N LEU A 49 -7.29 -5.31 -7.56
CA LEU A 49 -7.13 -3.86 -7.45
C LEU A 49 -5.82 -3.52 -6.74
N SER A 50 -5.55 -4.20 -5.60
CA SER A 50 -4.37 -3.83 -4.82
C SER A 50 -3.08 -4.24 -5.54
N VAL A 51 -3.09 -5.39 -6.22
CA VAL A 51 -1.88 -5.81 -6.95
C VAL A 51 -1.58 -4.82 -8.07
N ALA A 52 -2.61 -4.37 -8.78
CA ALA A 52 -2.37 -3.50 -9.91
C ALA A 52 -1.75 -2.20 -9.45
N TYR A 53 -2.39 -1.52 -8.49
CA TYR A 53 -1.87 -0.24 -8.09
C TYR A 53 -0.56 -0.37 -7.32
N LYS A 54 -0.37 -1.45 -6.54
CA LYS A 54 0.90 -1.60 -5.83
C LYS A 54 2.05 -1.66 -6.81
N ASN A 55 1.87 -2.33 -7.95
CA ASN A 55 2.91 -2.47 -8.95
C ASN A 55 3.14 -1.16 -9.69
N VAL A 56 2.07 -0.45 -10.03
CA VAL A 56 2.24 0.85 -10.71
C VAL A 56 2.98 1.84 -9.80
N VAL A 57 2.47 2.03 -8.58
CA VAL A 57 3.08 3.01 -7.68
C VAL A 57 4.43 2.53 -7.22
N GLY A 58 4.65 1.20 -7.14
CA GLY A 58 5.97 0.71 -6.74
C GLY A 58 7.04 1.09 -7.74
N GLY A 59 6.72 0.98 -9.02
CA GLY A 59 7.65 1.44 -10.05
C GLY A 59 7.90 2.93 -9.98
N GLN A 60 6.84 3.70 -9.74
CA GLN A 60 7.01 5.14 -9.62
C GLN A 60 7.90 5.48 -8.44
N ARG A 61 7.67 4.83 -7.29
CA ARG A 61 8.48 5.13 -6.13
C ARG A 61 9.94 4.77 -6.38
N ALA A 62 10.21 3.65 -7.03
CA ALA A 62 11.60 3.27 -7.26
C ALA A 62 12.26 4.30 -8.16
N ALA A 63 11.54 4.78 -9.19
CA ALA A 63 12.10 5.81 -10.07
C ALA A 63 12.32 7.12 -9.33
N TRP A 64 11.34 7.54 -8.52
CA TRP A 64 11.49 8.74 -7.70
C TRP A 64 12.72 8.67 -6.79
N ARG A 65 12.98 7.51 -6.20
CA ARG A 65 14.14 7.39 -5.33
C ARG A 65 15.44 7.53 -6.10
N VAL A 66 15.53 6.96 -7.29
CA VAL A 66 16.71 7.11 -8.14
C VAL A 66 16.92 8.59 -8.43
N LEU A 67 15.84 9.28 -8.82
CA LEU A 67 15.96 10.67 -9.21
C LEU A 67 16.27 11.55 -8.00
N SER A 68 15.63 11.29 -6.85
CA SER A 68 15.92 12.07 -5.66
C SER A 68 17.37 11.92 -5.24
N SER A 69 17.93 10.71 -5.37
CA SER A 69 19.33 10.46 -5.02
C SER A 69 20.23 11.29 -5.92
N ILE A 70 19.95 11.29 -7.22
CA ILE A 70 20.75 12.09 -8.16
C ILE A 70 20.65 13.57 -7.79
N GLU A 71 19.45 14.02 -7.45
CA GLU A 71 19.21 15.43 -7.15
C GLU A 71 19.95 15.84 -5.88
N GLN A 72 19.89 15.00 -4.85
CA GLN A 72 20.62 15.27 -3.61
C GLN A 72 22.12 15.35 -3.87
N LYS A 73 22.65 14.45 -4.70
CA LYS A 73 24.08 14.51 -5.03
C LYS A 73 24.43 15.80 -5.76
N SER A 74 23.55 16.26 -6.65
CA SER A 74 23.80 17.49 -7.39
C SER A 74 23.78 18.71 -6.50
N ASN A 75 23.15 18.63 -5.34
CA ASN A 75 23.08 19.73 -4.41
C ASN A 75 24.18 19.69 -3.35
N GLU A 76 25.14 18.76 -3.48
CA GLU A 76 26.24 18.68 -2.52
C GLU A 76 27.34 19.68 -2.87
N GLU A 77 28.27 19.82 -1.93
CA GLU A 77 29.38 20.75 -2.07
C GLU A 77 30.38 20.23 -3.10
N GLY A 78 30.71 21.06 -4.08
CA GLY A 78 31.65 20.69 -5.12
C GLY A 78 31.04 20.10 -6.37
N SER A 79 29.71 19.95 -6.40
CA SER A 79 29.06 19.39 -7.57
C SER A 79 28.91 20.46 -8.63
N GLU A 80 29.06 20.06 -9.90
CA GLU A 80 28.88 20.99 -11.00
C GLU A 80 27.39 21.22 -11.23
N GLU A 81 27.03 22.49 -11.45
CA GLU A 81 25.64 22.85 -11.69
C GLU A 81 25.17 22.26 -13.00
N LYS A 82 24.12 21.43 -12.95
CA LYS A 82 23.61 20.81 -14.16
C LYS A 82 22.32 21.48 -14.66
N GLY A 83 21.87 22.55 -14.01
CA GLY A 83 20.64 23.20 -14.37
C GLY A 83 19.42 22.58 -13.69
N PRO A 84 18.22 22.97 -14.13
CA PRO A 84 16.99 22.55 -13.45
C PRO A 84 16.48 21.18 -13.86
N GLU A 85 17.16 20.49 -14.74
CA GLU A 85 16.57 19.29 -15.35
C GLU A 85 16.33 18.18 -14.35
N VAL A 86 17.27 17.93 -13.45
CA VAL A 86 17.07 16.83 -12.51
C VAL A 86 15.87 17.10 -11.63
N ARG A 87 15.80 18.29 -11.01
CA ARG A 87 14.61 18.67 -10.23
C ARG A 87 13.34 18.56 -11.08
N GLU A 88 13.37 19.08 -12.32
CA GLU A 88 12.14 19.06 -13.12
C GLU A 88 11.68 17.62 -13.34
N TYR A 89 12.60 16.74 -13.70
CA TYR A 89 12.17 15.38 -14.00
C TYR A 89 11.77 14.63 -12.72
N ARG A 90 12.49 14.85 -11.61
CA ARG A 90 12.00 14.31 -10.33
C ARG A 90 10.58 14.80 -10.01
N GLU A 91 10.31 16.11 -10.24
CA GLU A 91 8.95 16.66 -10.06
C GLU A 91 7.95 16.01 -10.99
N LYS A 92 8.34 15.72 -12.24
CA LYS A 92 7.42 15.07 -13.18
C LYS A 92 6.99 13.71 -12.67
N VAL A 93 7.97 12.89 -12.28
CA VAL A 93 7.68 11.58 -11.71
C VAL A 93 6.87 11.73 -10.43
N GLU A 94 7.27 12.69 -9.57
CA GLU A 94 6.54 12.87 -8.31
C GLU A 94 5.08 13.20 -8.55
N THR A 95 4.80 14.09 -9.53
CA THR A 95 3.43 14.50 -9.80
C THR A 95 2.61 13.34 -10.34
N GLU A 96 3.24 12.46 -11.14
N GLU A 96 3.22 12.48 -11.16
CA GLU A 96 2.55 11.28 -11.66
CA GLU A 96 2.50 11.31 -11.64
C GLU A 96 2.23 10.29 -10.56
C GLU A 96 2.19 10.37 -10.50
N LEU A 97 3.17 10.12 -9.63
CA LEU A 97 2.94 9.28 -8.45
C LEU A 97 1.79 9.82 -7.60
N GLN A 98 1.82 11.13 -7.34
CA GLN A 98 0.76 11.73 -6.55
C GLN A 98 -0.57 11.56 -7.23
N GLY A 99 -0.58 11.64 -8.57
CA GLY A 99 -1.82 11.43 -9.28
C GLY A 99 -2.38 10.04 -9.12
N VAL A 100 -1.53 9.01 -9.15
CA VAL A 100 -1.99 7.64 -8.93
C VAL A 100 -2.49 7.48 -7.49
N CYS A 101 -1.76 8.04 -6.51
CA CYS A 101 -2.24 7.92 -5.14
C CYS A 101 -3.58 8.59 -4.95
N ASP A 102 -3.77 9.78 -5.57
CA ASP A 102 -5.05 10.47 -5.43
C ASP A 102 -6.14 9.67 -6.10
N THR A 103 -5.82 9.00 -7.21
CA THR A 103 -6.82 8.15 -7.87
C THR A 103 -7.25 7.00 -6.96
N VAL A 104 -6.28 6.29 -6.37
CA VAL A 104 -6.65 5.20 -5.48
C VAL A 104 -7.44 5.72 -4.28
N LEU A 105 -6.95 6.80 -3.65
CA LEU A 105 -7.67 7.35 -2.51
C LEU A 105 -9.05 7.79 -2.89
N GLY A 106 -9.19 8.27 -4.11
CA GLY A 106 -10.53 8.65 -4.59
C GLY A 106 -11.46 7.44 -4.70
N LEU A 107 -10.95 6.31 -5.20
CA LEU A 107 -11.78 5.12 -5.30
C LEU A 107 -12.18 4.66 -3.90
N LEU A 108 -11.24 4.73 -2.94
CA LEU A 108 -11.58 4.32 -1.58
C LEU A 108 -12.63 5.23 -0.97
N ASP A 109 -12.54 6.52 -1.21
CA ASP A 109 -13.48 7.45 -0.62
C ASP A 109 -14.80 7.49 -1.38
N SER A 110 -14.82 7.07 -2.63
CA SER A 110 -16.03 7.20 -3.49
C SER A 110 -16.17 5.90 -4.29
N HIS A 111 -16.66 4.81 -3.67
CA HIS A 111 -17.29 4.74 -2.35
C HIS A 111 -16.99 3.42 -1.66
N LEU A 112 -15.77 2.95 -1.88
CA LEU A 112 -15.44 1.61 -1.39
C LEU A 112 -15.53 1.47 0.14
N ILE A 113 -14.92 2.40 0.86
CA ILE A 113 -14.87 2.26 2.31
C ILE A 113 -16.29 2.34 2.91
N LYS A 114 -17.10 3.32 2.51
CA LYS A 114 -18.37 3.50 3.19
C LYS A 114 -19.30 2.32 3.00
N GLU A 115 -19.11 1.50 1.95
CA GLU A 115 -19.98 0.36 1.79
C GLU A 115 -19.37 -0.90 2.38
N ALA A 116 -18.15 -0.85 2.93
CA ALA A 116 -17.46 -2.08 3.35
C ALA A 116 -17.79 -2.32 4.83
N GLY A 117 -18.62 -3.33 5.08
CA GLY A 117 -19.07 -3.66 6.44
C GLY A 117 -18.38 -4.85 7.07
N ASP A 118 -17.96 -5.80 6.27
CA ASP A 118 -17.27 -6.96 6.84
C ASP A 118 -15.83 -6.58 7.15
N ALA A 119 -15.26 -7.21 8.19
CA ALA A 119 -13.89 -6.87 8.57
C ALA A 119 -12.90 -7.08 7.42
N GLU A 120 -13.05 -8.18 6.66
N GLU A 120 -13.06 -8.18 6.66
CA GLU A 120 -12.08 -8.50 5.62
CA GLU A 120 -12.10 -8.51 5.61
C GLU A 120 -12.07 -7.47 4.51
C GLU A 120 -12.09 -7.48 4.49
N SER A 121 -13.21 -6.85 4.23
CA SER A 121 -13.17 -5.78 3.26
C SER A 121 -12.78 -4.44 3.87
N ARG A 122 -13.34 -4.10 5.04
CA ARG A 122 -13.10 -2.79 5.62
C ARG A 122 -11.66 -2.62 6.06
N VAL A 123 -11.07 -3.66 6.67
CA VAL A 123 -9.66 -3.58 7.03
C VAL A 123 -8.80 -3.48 5.80
N PHE A 124 -9.11 -4.27 4.74
CA PHE A 124 -8.28 -4.21 3.53
C PHE A 124 -8.28 -2.79 2.94
N TYR A 125 -9.47 -2.15 2.86
CA TYR A 125 -9.52 -0.83 2.26
C TYR A 125 -8.87 0.21 3.14
N LEU A 126 -9.05 0.12 4.46
CA LEU A 126 -8.39 1.11 5.32
C LEU A 126 -6.88 0.92 5.32
N LYS A 127 -6.38 -0.32 5.23
CA LYS A 127 -4.94 -0.50 5.01
C LYS A 127 -4.49 0.18 3.73
N MET A 128 -5.22 -0.02 2.63
N MET A 128 -5.24 -0.01 2.65
CA MET A 128 -4.88 0.63 1.37
CA MET A 128 -4.90 0.63 1.38
C MET A 128 -4.86 2.16 1.53
C MET A 128 -4.87 2.15 1.54
N LYS A 129 -5.84 2.70 2.27
CA LYS A 129 -5.85 4.15 2.48
C LYS A 129 -4.59 4.61 3.22
N GLY A 130 -4.20 3.86 4.26
CA GLY A 130 -2.93 4.18 4.96
C GLY A 130 -1.73 4.05 4.03
N ASP A 131 -1.72 3.00 3.20
CA ASP A 131 -0.60 2.79 2.28
C ASP A 131 -0.46 3.96 1.31
N TYR A 132 -1.57 4.44 0.72
CA TYR A 132 -1.42 5.47 -0.32
C TYR A 132 -1.18 6.84 0.29
N TYR A 133 -1.71 7.13 1.49
CA TYR A 133 -1.23 8.31 2.19
C TYR A 133 0.25 8.19 2.54
N ARG A 134 0.72 6.98 2.89
CA ARG A 134 2.13 6.82 3.18
C ARG A 134 2.99 7.13 1.96
N TYR A 135 2.55 6.70 0.76
CA TYR A 135 3.35 7.04 -0.41
C TYR A 135 3.31 8.54 -0.69
N LEU A 136 2.16 9.20 -0.45
CA LEU A 136 2.16 10.67 -0.52
C LEU A 136 3.13 11.25 0.50
N ALA A 137 3.21 10.64 1.68
CA ALA A 137 4.08 11.20 2.73
C ALA A 137 5.54 11.09 2.36
N GLU A 138 5.92 10.03 1.65
CA GLU A 138 7.30 9.82 1.25
C GLU A 138 7.83 10.97 0.41
N VAL A 139 6.97 11.63 -0.37
CA VAL A 139 7.38 12.73 -1.25
C VAL A 139 6.96 14.09 -0.74
N ALA A 140 6.25 14.18 0.39
CA ALA A 140 5.67 15.44 0.83
C ALA A 140 6.71 16.33 1.46
N THR A 141 6.60 17.64 1.13
CA THR A 141 7.44 18.68 1.76
C THR A 141 6.70 19.95 2.16
N GLY A 142 5.41 20.09 1.89
CA GLY A 142 4.72 21.36 2.01
C GLY A 142 3.99 21.56 3.33
N ASP A 143 3.11 22.57 3.35
CA ASP A 143 2.33 22.92 4.55
C ASP A 143 1.49 21.74 5.03
N ASP A 144 1.09 20.85 4.12
CA ASP A 144 0.17 19.79 4.48
C ASP A 144 0.87 18.47 4.83
N LYS A 145 2.21 18.47 4.93
CA LYS A 145 2.95 17.23 5.16
C LYS A 145 2.52 16.54 6.46
N LYS A 146 2.36 17.30 7.55
CA LYS A 146 1.98 16.63 8.79
C LYS A 146 0.59 16.06 8.68
N ARG A 147 -0.30 16.74 7.96
CA ARG A 147 -1.65 16.27 7.79
C ARG A 147 -1.67 15.00 6.93
N ILE A 148 -0.76 14.88 5.95
CA ILE A 148 -0.70 13.66 5.11
C ILE A 148 -0.24 12.49 5.97
N ILE A 149 0.78 12.72 6.82
CA ILE A 149 1.25 11.69 7.76
C ILE A 149 0.15 11.29 8.71
N ASP A 150 -0.62 12.26 9.21
CA ASP A 150 -1.68 11.91 10.13
C ASP A 150 -2.83 11.17 9.46
N SER A 151 -3.11 11.49 8.18
CA SER A 151 -4.12 10.74 7.44
C SER A 151 -3.72 9.27 7.30
N ALA A 152 -2.45 9.03 6.99
CA ALA A 152 -1.97 7.64 6.95
C ALA A 152 -2.13 6.96 8.30
N ARG A 153 -1.64 7.62 9.36
CA ARG A 153 -1.73 7.05 10.71
C ARG A 153 -3.16 6.74 11.09
N SER A 154 -4.07 7.69 10.86
CA SER A 154 -5.48 7.49 11.21
C SER A 154 -6.10 6.31 10.48
N ALA A 155 -5.84 6.16 9.19
CA ALA A 155 -6.41 5.04 8.45
C ALA A 155 -5.85 3.71 8.94
N TYR A 156 -4.53 3.66 9.14
CA TYR A 156 -3.94 2.45 9.68
C TYR A 156 -4.49 2.13 11.05
N GLN A 157 -4.69 3.16 11.90
CA GLN A 157 -5.14 2.91 13.27
C GLN A 157 -6.57 2.39 13.29
N GLU A 158 -7.46 2.97 12.46
CA GLU A 158 -8.82 2.41 12.37
C GLU A 158 -8.80 0.96 11.90
N ALA A 159 -7.96 0.65 10.92
CA ALA A 159 -7.83 -0.73 10.43
C ALA A 159 -7.33 -1.64 11.53
N MET A 160 -6.33 -1.17 12.30
CA MET A 160 -5.81 -2.00 13.39
C MET A 160 -6.90 -2.27 14.41
N ASP A 161 -7.67 -1.24 14.77
CA ASP A 161 -8.67 -1.44 15.81
C ASP A 161 -9.71 -2.46 15.37
N ILE A 162 -10.18 -2.38 14.11
CA ILE A 162 -11.12 -3.37 13.62
C ILE A 162 -10.47 -4.75 13.59
N SER A 163 -9.23 -4.82 13.08
CA SER A 163 -8.59 -6.13 12.90
C SER A 163 -8.36 -6.84 14.23
N LYS A 164 -8.06 -6.08 15.28
CA LYS A 164 -7.87 -6.71 16.58
C LYS A 164 -9.17 -7.21 17.18
N LYS A 165 -10.28 -6.56 16.87
CA LYS A 165 -11.55 -7.00 17.40
C LYS A 165 -12.17 -8.12 16.59
N GLU A 166 -11.93 -8.15 15.27
CA GLU A 166 -12.74 -8.96 14.39
C GLU A 166 -12.00 -10.07 13.66
N MET A 167 -10.68 -10.12 13.69
CA MET A 167 -9.90 -11.10 12.96
C MET A 167 -8.95 -11.85 13.88
N PRO A 168 -8.65 -13.10 13.56
CA PRO A 168 -7.66 -13.81 14.37
C PRO A 168 -6.29 -13.22 14.11
N PRO A 169 -5.34 -13.45 15.03
CA PRO A 169 -4.02 -12.83 14.89
C PRO A 169 -3.23 -13.38 13.72
N THR A 170 -3.61 -14.53 13.15
CA THR A 170 -2.95 -15.06 11.96
C THR A 170 -3.58 -14.60 10.65
N ASN A 171 -4.68 -13.85 10.67
CA ASN A 171 -5.33 -13.46 9.43
CA ASN A 171 -5.33 -13.46 9.43
C ASN A 171 -4.32 -12.71 8.54
N PRO A 172 -4.13 -13.13 7.28
CA PRO A 172 -3.09 -12.46 6.46
C PRO A 172 -3.33 -10.99 6.26
N ILE A 173 -4.59 -10.55 6.21
CA ILE A 173 -4.81 -9.11 6.07
C ILE A 173 -4.37 -8.36 7.32
N ARG A 174 -4.73 -8.88 8.49
CA ARG A 174 -4.25 -8.32 9.75
C ARG A 174 -2.73 -8.28 9.82
N LEU A 175 -2.08 -9.38 9.44
CA LEU A 175 -0.62 -9.42 9.43
C LEU A 175 -0.01 -8.41 8.49
N GLY A 176 -0.55 -8.31 7.27
CA GLY A 176 0.00 -7.36 6.29
C GLY A 176 -0.23 -5.92 6.71
N LEU A 177 -1.38 -5.65 7.31
CA LEU A 177 -1.66 -4.34 7.88
C LEU A 177 -0.61 -3.99 8.92
N ALA A 178 -0.34 -4.92 9.84
CA ALA A 178 0.64 -4.65 10.90
C ALA A 178 2.05 -4.48 10.34
N LEU A 179 2.43 -5.33 9.35
CA LEU A 179 3.69 -5.14 8.63
C LEU A 179 3.83 -3.72 8.12
N ASN A 180 2.81 -3.24 7.42
CA ASN A 180 2.97 -1.95 6.77
C ASN A 180 2.83 -0.78 7.74
N PHE A 181 1.99 -0.92 8.79
CA PHE A 181 1.89 0.14 9.79
C PHE A 181 3.19 0.24 10.56
N SER A 182 3.85 -0.92 10.79
CA SER A 182 5.17 -0.90 11.40
C SER A 182 6.20 -0.17 10.53
N VAL A 183 6.17 -0.42 9.21
CA VAL A 183 7.05 0.33 8.29
C VAL A 183 6.70 1.83 8.31
N PHE A 184 5.40 2.17 8.36
CA PHE A 184 5.00 3.58 8.52
C PHE A 184 5.71 4.18 9.74
N HIS A 185 5.64 3.50 10.89
CA HIS A 185 6.28 4.04 12.09
C HIS A 185 7.77 4.24 11.88
N TYR A 186 8.45 3.27 11.25
CA TYR A 186 9.90 3.32 11.14
C TYR A 186 10.33 4.39 10.14
N GLU A 187 9.69 4.43 8.97
N GLU A 187 9.67 4.44 8.98
CA GLU A 187 10.19 5.28 7.87
CA GLU A 187 10.17 5.21 7.84
C GLU A 187 9.57 6.66 7.86
C GLU A 187 9.46 6.54 7.63
N ILE A 188 8.30 6.76 8.23
CA ILE A 188 7.55 7.99 8.05
C ILE A 188 7.44 8.78 9.35
N ALA A 189 7.06 8.10 10.45
CA ALA A 189 6.76 8.77 11.72
C ALA A 189 7.98 8.90 12.62
N ASN A 190 9.14 8.48 12.17
CA ASN A 190 10.37 8.59 12.97
C ASN A 190 10.19 7.93 14.32
N SER A 191 9.49 6.78 14.34
CA SER A 191 9.20 6.04 15.57
C SER A 191 9.72 4.61 15.44
N PRO A 192 11.05 4.39 15.35
CA PRO A 192 11.55 3.02 15.20
C PRO A 192 11.19 2.10 16.37
N GLU A 193 11.12 2.61 17.59
CA GLU A 193 10.72 1.75 18.71
C GLU A 193 9.31 1.23 18.56
N GLU A 194 8.38 2.08 18.11
CA GLU A 194 7.01 1.63 17.88
C GLU A 194 6.95 0.64 16.72
N ALA A 195 7.76 0.87 15.70
CA ALA A 195 7.80 -0.05 14.56
C ALA A 195 8.26 -1.45 14.99
N ILE A 196 9.32 -1.49 15.81
CA ILE A 196 9.86 -2.78 16.27
C ILE A 196 8.90 -3.47 17.22
N SER A 197 8.31 -2.73 18.18
CA SER A 197 7.32 -3.29 19.11
C SER A 197 6.14 -3.87 18.36
N LEU A 198 5.62 -3.14 17.36
CA LEU A 198 4.46 -3.66 16.66
C LEU A 198 4.79 -4.92 15.88
N ALA A 199 5.93 -4.93 15.15
CA ALA A 199 6.33 -6.13 14.41
C ALA A 199 6.53 -7.32 15.34
N LYS A 200 7.17 -7.10 16.50
CA LYS A 200 7.43 -8.22 17.41
C LYS A 200 6.15 -8.75 18.01
N THR A 201 5.32 -7.87 18.56
CA THR A 201 4.04 -8.31 19.13
C THR A 201 3.16 -9.00 18.09
N THR A 202 3.10 -8.46 16.87
CA THR A 202 2.31 -9.10 15.82
C THR A 202 2.82 -10.49 15.51
N PHE A 203 4.16 -10.64 15.41
CA PHE A 203 4.76 -11.94 15.12
C PHE A 203 4.44 -12.95 16.22
N ASP A 204 4.61 -12.54 17.49
CA ASP A 204 4.45 -13.48 18.60
C ASP A 204 2.99 -13.90 18.74
N GLU A 205 2.05 -12.97 18.57
CA GLU A 205 0.64 -13.33 18.70
C GLU A 205 0.18 -14.21 17.55
N ALA A 206 0.77 -14.02 16.36
CA ALA A 206 0.47 -14.95 15.27
C ALA A 206 1.05 -16.33 15.55
N MET A 207 2.30 -16.39 16.03
CA MET A 207 2.91 -17.68 16.31
C MET A 207 2.02 -18.53 17.21
N ALA A 208 1.49 -17.90 18.25
CA ALA A 208 0.64 -18.62 19.22
C ALA A 208 -0.68 -19.09 18.68
N ASP A 209 -1.09 -18.66 17.48
CA ASP A 209 -2.39 -19.00 16.91
C ASP A 209 -2.21 -19.91 15.70
N LEU A 210 -0.98 -20.23 15.30
CA LEU A 210 -0.76 -21.08 14.13
C LEU A 210 -1.37 -22.45 14.32
N HIS A 211 -1.46 -22.93 15.57
CA HIS A 211 -1.91 -24.31 15.82
C HIS A 211 -3.34 -24.53 15.40
N THR A 212 -4.11 -23.44 15.20
CA THR A 212 -5.51 -23.52 14.83
C THR A 212 -5.71 -23.67 13.34
N LEU A 213 -4.65 -23.55 12.55
CA LEU A 213 -4.77 -23.42 11.11
C LEU A 213 -4.59 -24.73 10.34
N SER A 214 -5.24 -24.78 9.19
CA SER A 214 -4.92 -25.80 8.19
C SER A 214 -3.54 -25.56 7.57
N GLU A 215 -3.06 -26.57 6.84
CA GLU A 215 -1.75 -26.42 6.19
C GLU A 215 -1.74 -25.23 5.23
N ASP A 216 -2.82 -25.04 4.46
CA ASP A 216 -2.79 -23.94 3.51
C ASP A 216 -2.83 -22.59 4.20
N SER A 217 -3.67 -22.45 5.25
CA SER A 217 -3.71 -21.20 6.01
C SER A 217 -2.37 -20.96 6.70
N TYR A 218 -1.76 -22.05 7.18
CA TYR A 218 -0.46 -21.90 7.83
C TYR A 218 0.57 -21.33 6.86
N LYS A 219 0.57 -21.83 5.62
CA LYS A 219 1.49 -21.30 4.62
C LYS A 219 1.26 -19.82 4.37
N ASP A 220 0.00 -19.41 4.26
CA ASP A 220 -0.29 -18.00 4.04
C ASP A 220 0.19 -17.13 5.20
N SER A 221 -0.11 -17.56 6.42
CA SER A 221 0.25 -16.73 7.58
C SER A 221 1.75 -16.69 7.79
N THR A 222 2.43 -17.83 7.66
CA THR A 222 3.85 -17.82 7.92
C THR A 222 4.62 -17.03 6.88
N LEU A 223 4.08 -16.91 5.66
CA LEU A 223 4.79 -16.09 4.66
C LEU A 223 4.89 -14.63 5.14
N ILE A 224 3.80 -14.10 5.66
CA ILE A 224 3.82 -12.72 6.11
C ILE A 224 4.58 -12.59 7.42
N MET A 225 4.51 -13.63 8.28
CA MET A 225 5.31 -13.58 9.49
C MET A 225 6.80 -13.50 9.19
N GLN A 226 7.24 -14.16 8.11
CA GLN A 226 8.65 -14.07 7.75
C GLN A 226 9.04 -12.66 7.32
N LEU A 227 8.13 -11.93 6.65
CA LEU A 227 8.39 -10.52 6.34
C LEU A 227 8.54 -9.67 7.62
N LEU A 228 7.70 -9.92 8.64
CA LEU A 228 7.90 -9.25 9.92
C LEU A 228 9.27 -9.54 10.51
N ARG A 229 9.68 -10.81 10.52
CA ARG A 229 11.01 -11.17 11.02
C ARG A 229 12.10 -10.53 10.19
N ASP A 230 11.94 -10.49 8.87
CA ASP A 230 12.94 -9.85 7.99
C ASP A 230 13.12 -8.39 8.37
N ASN A 231 12.01 -7.68 8.59
CA ASN A 231 12.14 -6.28 9.01
C ASN A 231 12.80 -6.16 10.37
N LEU A 232 12.38 -6.99 11.33
CA LEU A 232 13.03 -6.96 12.65
C LEU A 232 14.52 -7.19 12.54
N THR A 233 14.92 -8.09 11.66
CA THR A 233 16.36 -8.33 11.48
C THR A 233 17.05 -7.10 10.90
N LEU A 234 16.40 -6.44 9.95
CA LEU A 234 16.94 -5.23 9.37
C LEU A 234 17.10 -4.12 10.42
N TRP A 235 16.23 -4.10 11.42
CA TRP A 235 16.14 -2.96 12.33
C TRP A 235 16.84 -3.17 13.66
N THR A 236 17.31 -4.38 13.94
CA THR A 236 17.90 -4.69 15.23
C THR A 236 19.30 -5.30 15.06
N PHE B 4 15.33 -1.30 1.36
CA PHE B 4 14.01 -0.95 1.88
C PHE B 4 13.38 -2.12 2.64
N PRO B 5 12.55 -1.81 3.63
CA PRO B 5 11.87 -2.87 4.39
C PRO B 5 10.68 -3.44 3.63
N ALA B 6 10.23 -4.61 4.06
CA ALA B 6 9.17 -5.30 3.36
C ALA B 6 7.79 -4.74 3.69
N TPO B 7 6.96 -4.53 2.66
CA TPO B 7 5.54 -4.24 2.80
CB TPO B 7 5.25 -2.69 2.58
CG2 TPO B 7 5.91 -1.86 3.69
OG1 TPO B 7 5.85 -2.46 1.31
P TPO B 7 5.54 -1.02 0.56
O1P TPO B 7 6.00 -1.38 -0.92
O2P TPO B 7 6.43 0.02 1.14
O3P TPO B 7 4.04 -0.72 0.67
C TPO B 7 4.78 -5.08 1.82
O TPO B 7 5.35 -5.61 0.85
N VAL B 8 3.51 -5.27 2.11
CA VAL B 8 2.60 -6.00 1.21
C VAL B 8 1.35 -5.29 0.82
MG MG C . 0.32 -1.72 21.25
MG MG D . -23.46 -4.47 -17.00
MG MG E . 6.15 18.42 -5.99
C2 T6N F . -1.25 -10.49 1.11
C3 T6N F . -1.47 -9.34 0.31
C6 T6N F . -3.11 -7.07 2.88
C8 T6N F . -1.63 -10.50 2.44
C9 T6N F . 0.76 -13.25 -0.35
C10 T6N F . -0.43 -11.61 -1.77
C11 T6N F . -2.53 -11.33 -3.00
C12 T6N F . -3.01 -9.88 -3.16
N T6N F . -1.76 -11.60 -1.80
C T6N F . 1.46 -10.90 -0.17
O T6N F . -0.68 -11.66 0.66
C1 T6N F . 0.26 -11.81 -0.42
C4 T6N F . -2.09 -8.23 0.88
C5 T6N F . -2.44 -8.26 2.23
C7 T6N F . -2.21 -9.38 3.02
O1 T6N F . 0.23 -11.46 -2.79
S T6N F . -4.46 -9.50 -2.11
#